data_2JUT
#
_entry.id   2JUT
#
_entity_poly.entity_id   1
_entity_poly.type   'polypeptide(L)'
_entity_poly.pdbx_seq_one_letter_code
;GCCSDPRCRYRCR
;
_entity_poly.pdbx_strand_id   A
#
# COMPACT_ATOMS: atom_id res chain seq x y z
N GLY A 1 5.92 1.59 3.61
CA GLY A 1 5.66 1.51 2.14
C GLY A 1 4.22 1.03 1.91
N CYS A 2 3.47 1.76 1.13
CA CYS A 2 2.06 1.36 0.85
C CYS A 2 2.02 0.07 0.03
N CYS A 3 2.95 -0.10 -0.87
CA CYS A 3 2.97 -1.33 -1.71
C CYS A 3 3.08 -2.58 -0.83
N SER A 4 3.65 -2.46 0.34
CA SER A 4 3.78 -3.65 1.23
C SER A 4 2.80 -3.54 2.40
N ASP A 5 2.31 -2.36 2.68
CA ASP A 5 1.36 -2.20 3.81
C ASP A 5 0.01 -2.85 3.47
N PRO A 6 -0.69 -3.26 4.49
CA PRO A 6 -2.01 -3.90 4.31
C PRO A 6 -3.09 -2.83 4.13
N ARG A 7 -2.84 -1.66 4.65
CA ARG A 7 -3.83 -0.56 4.52
C ARG A 7 -3.68 0.12 3.16
N CYS A 8 -2.56 -0.09 2.51
CA CYS A 8 -2.34 0.53 1.18
C CYS A 8 -2.30 -0.54 0.09
N ARG A 9 -3.15 -1.52 0.21
CA ARG A 9 -3.18 -2.63 -0.79
C ARG A 9 -2.92 -2.11 -2.21
N TYR A 10 -3.61 -1.10 -2.62
CA TYR A 10 -3.39 -0.56 -4.00
C TYR A 10 -3.01 0.92 -3.95
N ARG A 11 -3.20 1.56 -2.83
CA ARG A 11 -2.85 3.00 -2.73
C ARG A 11 -1.34 3.18 -2.52
N CYS A 12 -0.55 2.74 -3.44
CA CYS A 12 0.93 2.90 -3.29
C CYS A 12 1.38 4.23 -3.90
N ARG A 13 0.46 5.02 -4.38
CA ARG A 13 0.83 6.33 -4.99
C ARG A 13 -0.07 7.43 -4.43
N GLY A 1 6.25 1.96 3.30
CA GLY A 1 5.88 1.70 1.88
C GLY A 1 4.44 1.19 1.81
N CYS A 2 3.62 1.85 1.04
CA CYS A 2 2.19 1.41 0.93
C CYS A 2 2.10 0.09 0.15
N CYS A 3 3.02 -0.15 -0.74
CA CYS A 3 2.99 -1.40 -1.54
C CYS A 3 3.13 -2.63 -0.63
N SER A 4 3.89 -2.52 0.43
CA SER A 4 4.08 -3.68 1.34
C SER A 4 3.16 -3.53 2.56
N ASP A 5 2.25 -2.61 2.52
CA ASP A 5 1.32 -2.41 3.66
C ASP A 5 -0.06 -2.98 3.33
N PRO A 6 -0.77 -3.37 4.36
CA PRO A 6 -2.12 -3.94 4.18
C PRO A 6 -3.14 -2.81 4.03
N ARG A 7 -2.92 -1.72 4.73
CA ARG A 7 -3.86 -0.57 4.64
C ARG A 7 -3.66 0.18 3.33
N CYS A 8 -2.53 0.00 2.71
CA CYS A 8 -2.25 0.70 1.41
C CYS A 8 -2.22 -0.32 0.27
N ARG A 9 -3.10 -1.26 0.30
CA ARG A 9 -3.15 -2.31 -0.78
C ARG A 9 -2.78 -1.72 -2.15
N TYR A 10 -3.75 -1.25 -2.89
CA TYR A 10 -3.44 -0.68 -4.24
C TYR A 10 -3.11 0.81 -4.14
N ARG A 11 -3.50 1.45 -3.07
CA ARG A 11 -3.20 2.91 -2.94
C ARG A 11 -1.72 3.12 -2.60
N CYS A 12 -0.84 2.58 -3.39
CA CYS A 12 0.62 2.75 -3.13
C CYS A 12 1.14 4.00 -3.85
N ARG A 13 0.27 4.75 -4.47
CA ARG A 13 0.72 5.98 -5.19
C ARG A 13 1.00 7.11 -4.20
N GLY A 1 5.74 2.67 3.47
CA GLY A 1 5.69 1.73 2.31
C GLY A 1 4.25 1.26 2.10
N CYS A 2 3.55 1.85 1.18
CA CYS A 2 2.14 1.44 0.92
C CYS A 2 2.09 0.22 -0.02
N CYS A 3 3.09 0.04 -0.82
CA CYS A 3 3.09 -1.11 -1.77
C CYS A 3 3.30 -2.42 -1.01
N SER A 4 3.51 -2.34 0.27
CA SER A 4 3.71 -3.58 1.08
C SER A 4 2.87 -3.52 2.36
N ASP A 5 2.09 -2.48 2.50
CA ASP A 5 1.24 -2.34 3.73
C ASP A 5 -0.12 -3.00 3.49
N PRO A 6 -0.81 -3.30 4.56
CA PRO A 6 -2.13 -3.95 4.45
C PRO A 6 -3.21 -2.89 4.28
N ARG A 7 -2.89 -1.65 4.59
CA ARG A 7 -3.90 -0.56 4.44
C ARG A 7 -3.76 0.10 3.07
N CYS A 8 -2.60 -0.04 2.46
CA CYS A 8 -2.38 0.58 1.12
C CYS A 8 -2.37 -0.51 0.04
N ARG A 9 -3.03 -1.59 0.29
CA ARG A 9 -3.08 -2.71 -0.69
C ARG A 9 -3.15 -2.20 -2.13
N TYR A 10 -3.70 -1.03 -2.35
CA TYR A 10 -3.78 -0.51 -3.74
C TYR A 10 -3.16 0.88 -3.84
N ARG A 11 -2.97 1.55 -2.74
CA ARG A 11 -2.37 2.92 -2.78
C ARG A 11 -0.84 2.83 -2.79
N CYS A 12 -0.29 2.14 -3.75
CA CYS A 12 1.19 2.02 -3.82
C CYS A 12 1.82 3.31 -4.38
N ARG A 13 1.00 4.29 -4.63
CA ARG A 13 1.54 5.58 -5.16
C ARG A 13 0.52 6.70 -4.97
N GLY A 1 6.24 2.16 0.66
CA GLY A 1 5.70 1.59 1.93
C GLY A 1 4.26 1.13 1.70
N CYS A 2 3.50 1.87 0.95
CA CYS A 2 2.08 1.48 0.69
C CYS A 2 2.03 0.22 -0.19
N CYS A 3 3.11 -0.13 -0.82
CA CYS A 3 3.11 -1.34 -1.68
C CYS A 3 3.26 -2.61 -0.83
N SER A 4 3.68 -2.46 0.40
CA SER A 4 3.84 -3.64 1.29
C SER A 4 2.99 -3.50 2.54
N ASP A 5 2.06 -2.59 2.54
CA ASP A 5 1.19 -2.39 3.74
C ASP A 5 -0.18 -3.03 3.50
N PRO A 6 -0.86 -3.34 4.57
CA PRO A 6 -2.20 -3.97 4.46
C PRO A 6 -3.25 -2.87 4.30
N ARG A 7 -2.89 -1.65 4.59
CA ARG A 7 -3.86 -0.53 4.45
C ARG A 7 -3.68 0.16 3.09
N CYS A 8 -2.54 -0.03 2.49
CA CYS A 8 -2.27 0.59 1.16
C CYS A 8 -2.18 -0.48 0.08
N ARG A 9 -2.92 -1.54 0.25
CA ARG A 9 -2.89 -2.67 -0.75
C ARG A 9 -2.78 -2.13 -2.19
N TYR A 10 -3.50 -1.09 -2.51
CA TYR A 10 -3.43 -0.56 -3.91
C TYR A 10 -3.14 0.94 -3.90
N ARG A 11 -3.29 1.58 -2.79
CA ARG A 11 -3.03 3.05 -2.73
C ARG A 11 -1.52 3.34 -2.67
N CYS A 12 -0.74 2.69 -3.48
CA CYS A 12 0.73 2.93 -3.45
C CYS A 12 1.12 4.06 -4.41
N ARG A 13 0.20 4.48 -5.22
CA ARG A 13 0.51 5.59 -6.18
C ARG A 13 0.12 6.94 -5.58
N GLY A 1 5.67 2.79 3.09
CA GLY A 1 5.65 1.53 2.30
C GLY A 1 4.21 1.10 2.04
N CYS A 2 3.46 1.90 1.32
CA CYS A 2 2.05 1.55 1.03
C CYS A 2 1.96 0.33 0.11
N CYS A 3 2.95 0.12 -0.71
CA CYS A 3 2.91 -1.05 -1.64
C CYS A 3 2.97 -2.36 -0.86
N SER A 4 3.69 -2.39 0.23
CA SER A 4 3.77 -3.66 1.03
C SER A 4 2.92 -3.54 2.30
N ASP A 5 2.02 -2.60 2.34
CA ASP A 5 1.17 -2.44 3.56
C ASP A 5 -0.23 -3.00 3.29
N PRO A 6 -0.89 -3.39 4.34
CA PRO A 6 -2.25 -3.95 4.21
C PRO A 6 -3.25 -2.80 4.11
N ARG A 7 -2.89 -1.65 4.62
CA ARG A 7 -3.80 -0.48 4.55
C ARG A 7 -3.64 0.22 3.19
N CYS A 8 -2.51 0.03 2.56
CA CYS A 8 -2.27 0.66 1.23
C CYS A 8 -2.18 -0.42 0.15
N ARG A 9 -2.81 -1.53 0.38
CA ARG A 9 -2.76 -2.65 -0.60
C ARG A 9 -2.95 -2.15 -2.03
N TYR A 10 -3.73 -1.11 -2.24
CA TYR A 10 -3.94 -0.61 -3.64
C TYR A 10 -3.26 0.74 -3.86
N ARG A 11 -2.97 1.47 -2.82
CA ARG A 11 -2.32 2.80 -3.00
C ARG A 11 -0.80 2.67 -2.99
N CYS A 12 -0.23 1.97 -3.94
CA CYS A 12 1.25 1.81 -3.98
C CYS A 12 1.90 3.07 -4.55
N ARG A 13 1.12 4.07 -4.86
CA ARG A 13 1.70 5.32 -5.43
C ARG A 13 2.50 5.00 -6.69
N GLY A 1 5.84 2.27 3.73
CA GLY A 1 5.45 2.42 2.30
C GLY A 1 3.98 2.02 2.14
N CYS A 2 3.56 1.76 0.93
CA CYS A 2 2.13 1.38 0.70
C CYS A 2 2.07 0.05 -0.06
N CYS A 3 3.02 -0.22 -0.90
CA CYS A 3 3.00 -1.49 -1.68
C CYS A 3 3.18 -2.69 -0.74
N SER A 4 3.64 -2.46 0.46
CA SER A 4 3.81 -3.60 1.40
C SER A 4 2.82 -3.49 2.56
N ASP A 5 2.26 -2.34 2.77
CA ASP A 5 1.26 -2.17 3.88
C ASP A 5 -0.05 -2.87 3.50
N PRO A 6 -0.78 -3.27 4.51
CA PRO A 6 -2.07 -3.95 4.29
C PRO A 6 -3.16 -2.92 4.05
N ARG A 7 -2.94 -1.71 4.50
CA ARG A 7 -3.94 -0.63 4.28
C ARG A 7 -3.72 0.02 2.92
N CYS A 8 -2.51 0.01 2.45
CA CYS A 8 -2.21 0.62 1.12
C CYS A 8 -2.14 -0.46 0.04
N ARG A 9 -2.81 -1.55 0.25
CA ARG A 9 -2.79 -2.66 -0.74
C ARG A 9 -2.83 -2.12 -2.18
N TYR A 10 -3.56 -1.05 -2.42
CA TYR A 10 -3.63 -0.51 -3.81
C TYR A 10 -3.28 0.97 -3.84
N ARG A 11 -3.35 1.64 -2.72
CA ARG A 11 -3.02 3.09 -2.70
C ARG A 11 -1.51 3.30 -2.62
N CYS A 12 -0.76 2.55 -3.38
CA CYS A 12 0.73 2.71 -3.35
C CYS A 12 1.17 3.72 -4.40
N ARG A 13 1.67 4.83 -3.98
CA ARG A 13 2.12 5.87 -4.94
C ARG A 13 3.16 5.29 -5.90
N GLY A 1 6.46 1.51 3.20
CA GLY A 1 5.85 1.88 1.88
C GLY A 1 4.41 1.36 1.83
N CYS A 2 3.65 1.80 0.85
CA CYS A 2 2.24 1.33 0.73
C CYS A 2 2.19 -0.08 0.16
N CYS A 3 2.92 -0.33 -0.90
CA CYS A 3 2.91 -1.68 -1.51
C CYS A 3 3.18 -2.76 -0.46
N SER A 4 3.96 -2.44 0.54
CA SER A 4 4.24 -3.46 1.60
C SER A 4 3.24 -3.31 2.75
N ASP A 5 2.31 -2.41 2.63
CA ASP A 5 1.31 -2.23 3.72
C ASP A 5 -0.01 -2.91 3.35
N PRO A 6 -0.76 -3.28 4.36
CA PRO A 6 -2.05 -3.96 4.14
C PRO A 6 -3.13 -2.91 3.87
N ARG A 7 -2.98 -1.75 4.47
CA ARG A 7 -3.98 -0.66 4.26
C ARG A 7 -3.78 -0.03 2.88
N CYS A 8 -2.55 0.08 2.45
CA CYS A 8 -2.28 0.67 1.12
C CYS A 8 -2.26 -0.43 0.05
N ARG A 9 -3.01 -1.47 0.25
CA ARG A 9 -3.04 -2.59 -0.72
C ARG A 9 -3.12 -2.08 -2.16
N TYR A 10 -3.78 -0.97 -2.38
CA TYR A 10 -3.88 -0.45 -3.76
C TYR A 10 -3.37 0.99 -3.85
N ARG A 11 -3.39 1.70 -2.77
CA ARG A 11 -2.93 3.12 -2.78
C ARG A 11 -1.40 3.19 -2.75
N CYS A 12 -0.73 2.40 -3.56
CA CYS A 12 0.76 2.44 -3.56
C CYS A 12 1.26 3.45 -4.60
N ARG A 13 1.86 4.51 -4.15
CA ARG A 13 2.37 5.54 -5.09
C ARG A 13 3.73 5.12 -5.65
N GLY A 1 6.41 0.80 3.05
CA GLY A 1 5.72 1.67 2.06
C GLY A 1 4.29 1.18 1.87
N CYS A 2 3.54 1.82 1.00
CA CYS A 2 2.13 1.39 0.76
C CYS A 2 2.10 0.06 -0.01
N CYS A 3 3.11 -0.22 -0.79
CA CYS A 3 3.13 -1.49 -1.55
C CYS A 3 3.33 -2.67 -0.60
N SER A 4 3.98 -2.45 0.50
CA SER A 4 4.19 -3.56 1.48
C SER A 4 3.27 -3.39 2.67
N ASP A 5 2.24 -2.60 2.55
CA ASP A 5 1.30 -2.40 3.68
C ASP A 5 -0.08 -2.98 3.33
N PRO A 6 -0.80 -3.37 4.35
CA PRO A 6 -2.14 -3.94 4.14
C PRO A 6 -3.16 -2.82 3.99
N ARG A 7 -2.92 -1.70 4.64
CA ARG A 7 -3.86 -0.56 4.53
C ARG A 7 -3.72 0.11 3.16
N CYS A 8 -2.57 0.03 2.58
CA CYS A 8 -2.35 0.65 1.24
C CYS A 8 -2.37 -0.45 0.17
N ARG A 9 -3.25 -1.39 0.31
CA ARG A 9 -3.34 -2.52 -0.67
C ARG A 9 -3.05 -2.04 -2.11
N TYR A 10 -3.76 -1.05 -2.58
CA TYR A 10 -3.52 -0.59 -3.98
C TYR A 10 -3.21 0.91 -4.02
N ARG A 11 -3.28 1.57 -2.89
CA ARG A 11 -3.00 3.04 -2.86
C ARG A 11 -1.49 3.29 -2.80
N CYS A 12 -0.71 2.53 -3.52
CA CYS A 12 0.76 2.75 -3.50
C CYS A 12 1.16 3.78 -4.56
N ARG A 13 0.18 4.34 -5.24
CA ARG A 13 0.48 5.35 -6.29
C ARG A 13 1.72 4.95 -7.09
N GLY A 1 6.19 1.89 4.19
CA GLY A 1 5.84 1.93 2.73
C GLY A 1 4.40 1.47 2.54
N CYS A 2 3.84 1.70 1.39
CA CYS A 2 2.44 1.25 1.14
C CYS A 2 2.40 -0.04 0.34
N CYS A 3 3.18 -0.13 -0.70
CA CYS A 3 3.19 -1.37 -1.53
C CYS A 3 3.41 -2.60 -0.65
N SER A 4 3.95 -2.41 0.51
CA SER A 4 4.18 -3.57 1.43
C SER A 4 3.22 -3.48 2.62
N ASP A 5 2.31 -2.55 2.58
CA ASP A 5 1.33 -2.42 3.71
C ASP A 5 -0.04 -2.92 3.28
N PRO A 6 -0.81 -3.36 4.23
CA PRO A 6 -2.16 -3.87 3.96
C PRO A 6 -3.14 -2.71 3.86
N ARG A 7 -2.85 -1.64 4.53
CA ARG A 7 -3.75 -0.45 4.48
C ARG A 7 -3.64 0.20 3.10
N CYS A 8 -2.50 0.06 2.48
CA CYS A 8 -2.32 0.65 1.12
C CYS A 8 -2.42 -0.44 0.06
N ARG A 9 -3.28 -1.38 0.29
CA ARG A 9 -3.47 -2.53 -0.66
C ARG A 9 -3.26 -2.10 -2.12
N TYR A 10 -3.92 -1.08 -2.57
CA TYR A 10 -3.75 -0.65 -3.99
C TYR A 10 -3.33 0.82 -4.07
N ARG A 11 -3.52 1.55 -3.02
CA ARG A 11 -3.13 2.99 -3.05
C ARG A 11 -1.67 3.15 -2.61
N CYS A 12 -0.76 2.65 -3.40
CA CYS A 12 0.68 2.77 -3.04
C CYS A 12 1.27 4.05 -3.63
N ARG A 13 0.46 4.84 -4.27
CA ARG A 13 0.98 6.11 -4.86
C ARG A 13 -0.09 7.20 -4.78
N GLY A 1 6.53 1.38 2.86
CA GLY A 1 5.72 2.51 2.31
C GLY A 1 4.25 2.09 2.26
N CYS A 2 3.71 1.97 1.08
CA CYS A 2 2.28 1.57 0.95
C CYS A 2 2.14 0.40 -0.02
N CYS A 3 3.22 -0.05 -0.61
CA CYS A 3 3.13 -1.19 -1.57
C CYS A 3 3.23 -2.50 -0.81
N SER A 4 3.80 -2.49 0.36
CA SER A 4 3.93 -3.75 1.16
C SER A 4 3.05 -3.66 2.41
N ASP A 5 2.11 -2.74 2.41
CA ASP A 5 1.23 -2.60 3.60
C ASP A 5 -0.19 -3.06 3.25
N PRO A 6 -0.94 -3.42 4.25
CA PRO A 6 -2.33 -3.89 4.03
C PRO A 6 -3.26 -2.69 3.91
N ARG A 7 -3.04 -1.69 4.73
CA ARG A 7 -3.90 -0.48 4.66
C ARG A 7 -3.69 0.22 3.32
N CYS A 8 -2.49 0.12 2.80
CA CYS A 8 -2.19 0.76 1.49
C CYS A 8 -2.16 -0.28 0.39
N ARG A 9 -3.04 -1.24 0.46
CA ARG A 9 -3.09 -2.33 -0.57
C ARG A 9 -2.71 -1.80 -1.96
N TYR A 10 -3.66 -1.37 -2.75
CA TYR A 10 -3.33 -0.87 -4.11
C TYR A 10 -3.00 0.63 -4.09
N ARG A 11 -3.45 1.33 -3.08
CA ARG A 11 -3.17 2.78 -3.00
C ARG A 11 -1.73 3.02 -2.57
N CYS A 12 -0.78 2.72 -3.41
CA CYS A 12 0.65 2.95 -3.05
C CYS A 12 1.10 4.35 -3.48
N ARG A 13 0.17 5.25 -3.62
CA ARG A 13 0.52 6.64 -4.04
C ARG A 13 1.84 7.08 -3.39
N GLY A 1 5.68 2.79 3.99
CA GLY A 1 5.44 2.35 2.58
C GLY A 1 3.98 1.94 2.42
N CYS A 2 3.52 1.81 1.20
CA CYS A 2 2.10 1.42 0.97
C CYS A 2 2.05 0.12 0.17
N CYS A 3 3.00 -0.12 -0.68
CA CYS A 3 3.00 -1.36 -1.50
C CYS A 3 3.14 -2.59 -0.59
N SER A 4 3.98 -2.51 0.41
CA SER A 4 4.16 -3.67 1.32
C SER A 4 3.26 -3.53 2.56
N ASP A 5 2.26 -2.69 2.47
CA ASP A 5 1.36 -2.51 3.64
C ASP A 5 -0.05 -3.01 3.29
N PRO A 6 -0.77 -3.41 4.32
CA PRO A 6 -2.15 -3.91 4.12
C PRO A 6 -3.12 -2.73 4.04
N ARG A 7 -2.86 -1.71 4.80
CA ARG A 7 -3.76 -0.51 4.76
C ARG A 7 -3.60 0.21 3.42
N CYS A 8 -2.50 -0.02 2.75
CA CYS A 8 -2.27 0.65 1.43
C CYS A 8 -2.28 -0.40 0.31
N ARG A 9 -3.29 -1.22 0.28
CA ARG A 9 -3.37 -2.28 -0.76
C ARG A 9 -2.89 -1.76 -2.12
N TYR A 10 -3.76 -1.22 -2.92
CA TYR A 10 -3.35 -0.72 -4.25
C TYR A 10 -3.02 0.78 -4.21
N ARG A 11 -3.47 1.47 -3.19
CA ARG A 11 -3.18 2.94 -3.11
C ARG A 11 -1.71 3.18 -2.77
N CYS A 12 -0.81 2.62 -3.56
CA CYS A 12 0.64 2.82 -3.28
C CYS A 12 1.15 4.06 -4.04
N ARG A 13 0.27 4.77 -4.69
CA ARG A 13 0.72 5.98 -5.44
C ARG A 13 -0.04 7.22 -4.95
N GLY A 1 6.65 0.50 1.50
CA GLY A 1 5.74 1.54 2.04
C GLY A 1 4.29 1.09 1.85
N CYS A 2 3.53 1.80 1.07
CA CYS A 2 2.11 1.41 0.85
C CYS A 2 2.02 0.10 0.06
N CYS A 3 2.94 -0.11 -0.85
CA CYS A 3 2.90 -1.36 -1.67
C CYS A 3 3.19 -2.57 -0.77
N SER A 4 3.61 -2.34 0.44
CA SER A 4 3.90 -3.49 1.35
C SER A 4 2.92 -3.47 2.53
N ASP A 5 2.28 -2.35 2.77
CA ASP A 5 1.31 -2.27 3.89
C ASP A 5 -0.02 -2.93 3.48
N PRO A 6 -0.76 -3.35 4.47
CA PRO A 6 -2.07 -4.00 4.20
C PRO A 6 -3.14 -2.93 3.98
N ARG A 7 -2.94 -1.77 4.53
CA ARG A 7 -3.95 -0.69 4.36
C ARG A 7 -3.72 0.04 3.03
N CYS A 8 -2.53 -0.06 2.50
CA CYS A 8 -2.22 0.60 1.20
C CYS A 8 -2.14 -0.44 0.09
N ARG A 9 -2.85 -1.52 0.24
CA ARG A 9 -2.83 -2.61 -0.79
C ARG A 9 -3.16 -2.07 -2.18
N TYR A 10 -3.80 -0.93 -2.26
CA TYR A 10 -4.15 -0.37 -3.61
C TYR A 10 -3.49 0.98 -3.81
N ARG A 11 -3.08 1.62 -2.76
CA ARG A 11 -2.44 2.96 -2.91
C ARG A 11 -0.95 2.82 -3.24
N CYS A 12 -0.61 1.89 -4.09
CA CYS A 12 0.81 1.71 -4.47
C CYS A 12 1.14 2.54 -5.71
N ARG A 13 1.95 3.54 -5.56
CA ARG A 13 2.32 4.40 -6.73
C ARG A 13 3.80 4.78 -6.67
N GLY A 1 6.64 1.24 3.59
CA GLY A 1 6.15 1.48 2.20
C GLY A 1 4.69 1.01 2.09
N CYS A 2 3.91 1.70 1.32
CA CYS A 2 2.47 1.29 1.15
C CYS A 2 2.35 0.03 0.31
N CYS A 3 3.13 -0.08 -0.74
CA CYS A 3 3.05 -1.30 -1.60
C CYS A 3 3.21 -2.57 -0.76
N SER A 4 3.77 -2.44 0.40
CA SER A 4 3.95 -3.64 1.27
C SER A 4 2.97 -3.61 2.44
N ASP A 5 2.34 -2.48 2.66
CA ASP A 5 1.37 -2.38 3.79
C ASP A 5 0.01 -2.92 3.33
N PRO A 6 -0.80 -3.31 4.28
CA PRO A 6 -2.13 -3.85 3.97
C PRO A 6 -3.14 -2.71 3.81
N ARG A 7 -3.02 -1.69 4.61
CA ARG A 7 -3.96 -0.54 4.50
C ARG A 7 -3.70 0.19 3.18
N CYS A 8 -2.52 0.06 2.66
CA CYS A 8 -2.18 0.73 1.37
C CYS A 8 -2.16 -0.29 0.24
N ARG A 9 -3.02 -1.27 0.33
CA ARG A 9 -3.07 -2.32 -0.73
C ARG A 9 -2.85 -1.71 -2.13
N TYR A 10 -3.90 -1.33 -2.79
CA TYR A 10 -3.74 -0.75 -4.16
C TYR A 10 -3.26 0.70 -4.08
N ARG A 11 -3.65 1.41 -3.06
CA ARG A 11 -3.23 2.83 -2.92
C ARG A 11 -1.76 2.91 -2.49
N CYS A 12 -0.84 2.61 -3.37
CA CYS A 12 0.60 2.66 -2.99
C CYS A 12 1.18 4.05 -3.27
N ARG A 13 0.38 4.94 -3.80
CA ARG A 13 0.90 6.30 -4.10
C ARG A 13 -0.27 7.26 -4.35
N GLY A 1 5.40 2.37 4.55
CA GLY A 1 5.28 2.29 3.08
C GLY A 1 3.82 2.04 2.69
N CYS A 2 3.59 1.54 1.51
CA CYS A 2 2.18 1.26 1.08
C CYS A 2 2.11 -0.03 0.29
N CYS A 3 2.98 -0.22 -0.66
CA CYS A 3 2.95 -1.47 -1.47
C CYS A 3 3.20 -2.68 -0.57
N SER A 4 3.94 -2.50 0.49
CA SER A 4 4.22 -3.63 1.42
C SER A 4 3.28 -3.55 2.63
N ASP A 5 2.40 -2.58 2.65
CA ASP A 5 1.45 -2.43 3.78
C ASP A 5 0.08 -2.97 3.38
N PRO A 6 -0.71 -3.30 4.37
CA PRO A 6 -2.06 -3.84 4.10
C PRO A 6 -3.05 -2.70 3.91
N ARG A 7 -2.86 -1.62 4.61
CA ARG A 7 -3.79 -0.46 4.47
C ARG A 7 -3.56 0.22 3.11
N CYS A 8 -2.40 0.05 2.55
CA CYS A 8 -2.11 0.66 1.23
C CYS A 8 -2.09 -0.42 0.15
N ARG A 9 -3.10 -1.24 0.14
CA ARG A 9 -3.18 -2.34 -0.85
C ARG A 9 -2.93 -1.81 -2.27
N TYR A 10 -3.91 -1.16 -2.85
CA TYR A 10 -3.73 -0.62 -4.23
C TYR A 10 -3.41 0.87 -4.17
N ARG A 11 -3.70 1.50 -3.07
CA ARG A 11 -3.42 2.96 -2.94
C ARG A 11 -1.94 3.19 -2.65
N CYS A 12 -1.07 2.61 -3.44
CA CYS A 12 0.39 2.80 -3.21
C CYS A 12 0.90 4.02 -3.99
N ARG A 13 0.02 4.90 -4.35
CA ARG A 13 0.44 6.11 -5.12
C ARG A 13 1.75 6.66 -4.58
N GLY A 1 6.41 0.96 3.14
CA GLY A 1 5.69 1.78 2.12
C GLY A 1 4.25 1.28 1.98
N CYS A 2 3.53 1.79 1.02
CA CYS A 2 2.12 1.34 0.84
C CYS A 2 2.08 0.00 0.11
N CYS A 3 2.94 -0.18 -0.86
CA CYS A 3 2.97 -1.47 -1.61
C CYS A 3 3.29 -2.62 -0.64
N SER A 4 3.82 -2.30 0.51
CA SER A 4 4.16 -3.36 1.50
C SER A 4 3.18 -3.33 2.66
N ASP A 5 2.33 -2.33 2.70
CA ASP A 5 1.33 -2.25 3.80
C ASP A 5 0.02 -2.88 3.37
N PRO A 6 -0.73 -3.36 4.31
CA PRO A 6 -2.03 -4.00 4.02
C PRO A 6 -3.10 -2.93 3.85
N ARG A 7 -2.95 -1.82 4.53
CA ARG A 7 -3.96 -0.74 4.41
C ARG A 7 -3.77 0.00 3.08
N CYS A 8 -2.60 -0.08 2.52
CA CYS A 8 -2.34 0.62 1.22
C CYS A 8 -2.32 -0.40 0.09
N ARG A 9 -3.05 -1.47 0.24
CA ARG A 9 -3.09 -2.52 -0.81
C ARG A 9 -3.33 -1.91 -2.20
N TYR A 10 -4.10 -0.86 -2.29
CA TYR A 10 -4.36 -0.23 -3.61
C TYR A 10 -3.48 0.99 -3.82
N ARG A 11 -3.10 1.66 -2.77
CA ARG A 11 -2.25 2.87 -2.93
C ARG A 11 -0.78 2.47 -3.09
N CYS A 12 -0.50 1.61 -4.03
CA CYS A 12 0.92 1.18 -4.24
C CYS A 12 1.63 2.14 -5.21
N ARG A 13 0.95 3.19 -5.61
CA ARG A 13 1.57 4.16 -6.55
C ARG A 13 2.71 4.91 -5.86
N GLY A 1 6.05 1.74 3.55
CA GLY A 1 5.78 1.63 2.08
C GLY A 1 4.36 1.10 1.88
N CYS A 2 3.57 1.79 1.10
CA CYS A 2 2.18 1.32 0.85
C CYS A 2 2.19 0.05 0.02
N CYS A 3 3.19 -0.14 -0.80
CA CYS A 3 3.25 -1.37 -1.64
C CYS A 3 3.50 -2.60 -0.75
N SER A 4 3.91 -2.38 0.47
CA SER A 4 4.16 -3.54 1.38
C SER A 4 3.23 -3.45 2.59
N ASP A 5 2.27 -2.58 2.54
CA ASP A 5 1.32 -2.44 3.68
C ASP A 5 -0.07 -2.97 3.28
N PRO A 6 -0.83 -3.38 4.26
CA PRO A 6 -2.18 -3.90 4.01
C PRO A 6 -3.16 -2.74 3.89
N ARG A 7 -2.97 -1.71 4.67
CA ARG A 7 -3.89 -0.54 4.60
C ARG A 7 -3.79 0.09 3.20
N CYS A 8 -2.60 0.09 2.65
CA CYS A 8 -2.42 0.66 1.28
C CYS A 8 -2.49 -0.46 0.24
N ARG A 9 -3.45 -1.32 0.38
CA ARG A 9 -3.60 -2.46 -0.56
C ARG A 9 -3.17 -2.09 -1.99
N TYR A 10 -3.73 -1.07 -2.55
CA TYR A 10 -3.36 -0.68 -3.94
C TYR A 10 -2.92 0.79 -3.99
N ARG A 11 -3.33 1.55 -3.03
CA ARG A 11 -2.95 3.00 -3.01
C ARG A 11 -1.46 3.16 -2.68
N CYS A 12 -0.60 2.67 -3.53
CA CYS A 12 0.86 2.80 -3.28
C CYS A 12 1.39 4.09 -3.90
N ARG A 13 0.52 4.92 -4.39
CA ARG A 13 0.98 6.19 -5.02
C ARG A 13 1.78 7.02 -4.02
N GLY A 1 5.59 2.88 3.74
CA GLY A 1 5.28 2.87 2.28
C GLY A 1 3.81 2.49 2.07
N CYS A 2 3.52 1.76 1.03
CA CYS A 2 2.11 1.35 0.78
C CYS A 2 2.06 0.02 0.03
N CYS A 3 2.96 -0.19 -0.89
CA CYS A 3 2.96 -1.47 -1.66
C CYS A 3 3.11 -2.67 -0.70
N SER A 4 3.73 -2.47 0.42
CA SER A 4 3.92 -3.58 1.39
C SER A 4 2.89 -3.47 2.53
N ASP A 5 2.33 -2.32 2.71
CA ASP A 5 1.33 -2.15 3.80
C ASP A 5 0.02 -2.84 3.42
N PRO A 6 -0.69 -3.28 4.43
CA PRO A 6 -1.98 -3.96 4.20
C PRO A 6 -3.09 -2.91 4.03
N ARG A 7 -2.87 -1.74 4.54
CA ARG A 7 -3.89 -0.66 4.41
C ARG A 7 -3.75 0.00 3.02
N CYS A 8 -2.56 0.02 2.51
CA CYS A 8 -2.33 0.63 1.17
C CYS A 8 -2.32 -0.46 0.10
N ARG A 9 -3.12 -1.47 0.29
CA ARG A 9 -3.18 -2.61 -0.68
C ARG A 9 -3.01 -2.11 -2.13
N TYR A 10 -3.65 -1.04 -2.49
CA TYR A 10 -3.53 -0.54 -3.89
C TYR A 10 -3.10 0.93 -3.92
N ARG A 11 -3.24 1.63 -2.83
CA ARG A 11 -2.85 3.07 -2.83
C ARG A 11 -1.33 3.21 -2.65
N CYS A 12 -0.57 2.66 -3.55
CA CYS A 12 0.92 2.78 -3.43
C CYS A 12 1.41 4.03 -4.16
N ARG A 13 0.54 4.96 -4.42
CA ARG A 13 0.97 6.20 -5.13
C ARG A 13 1.78 5.85 -6.37
N GLY A 1 6.10 1.79 3.51
CA GLY A 1 5.64 1.97 2.11
C GLY A 1 4.20 1.45 1.97
N CYS A 2 3.55 1.76 0.88
CA CYS A 2 2.16 1.28 0.70
C CYS A 2 2.14 -0.14 0.12
N CYS A 3 3.00 -0.40 -0.84
CA CYS A 3 3.03 -1.76 -1.45
C CYS A 3 3.34 -2.81 -0.38
N SER A 4 3.98 -2.41 0.69
CA SER A 4 4.31 -3.39 1.76
C SER A 4 3.29 -3.29 2.90
N ASP A 5 2.34 -2.40 2.78
CA ASP A 5 1.33 -2.24 3.86
C ASP A 5 0.01 -2.92 3.43
N PRO A 6 -0.73 -3.35 4.41
CA PRO A 6 -2.02 -4.02 4.16
C PRO A 6 -3.10 -2.98 3.93
N ARG A 7 -2.90 -1.80 4.45
CA ARG A 7 -3.91 -0.71 4.28
C ARG A 7 -3.69 -0.01 2.94
N CYS A 8 -2.49 -0.04 2.42
CA CYS A 8 -2.22 0.64 1.12
C CYS A 8 -2.17 -0.37 -0.02
N ARG A 9 -2.90 -1.44 0.10
CA ARG A 9 -2.91 -2.48 -0.97
C ARG A 9 -3.16 -1.85 -2.34
N TYR A 10 -4.07 -0.91 -2.43
CA TYR A 10 -4.38 -0.28 -3.75
C TYR A 10 -3.85 1.16 -3.81
N ARG A 11 -3.33 1.66 -2.72
CA ARG A 11 -2.82 3.06 -2.74
C ARG A 11 -1.40 3.13 -3.29
N CYS A 12 -0.89 2.03 -3.75
CA CYS A 12 0.49 2.02 -4.32
C CYS A 12 0.45 2.29 -5.83
N ARG A 13 -0.65 2.82 -6.32
CA ARG A 13 -0.78 3.11 -7.78
C ARG A 13 -0.03 2.06 -8.62
N GLY A 1 5.02 3.07 4.62
CA GLY A 1 4.99 2.70 3.17
C GLY A 1 3.56 2.42 2.74
N CYS A 2 3.38 1.73 1.65
CA CYS A 2 2.00 1.43 1.17
C CYS A 2 1.99 0.12 0.37
N CYS A 3 2.79 0.04 -0.65
CA CYS A 3 2.82 -1.20 -1.48
C CYS A 3 2.93 -2.44 -0.59
N SER A 4 3.89 -2.46 0.30
CA SER A 4 4.05 -3.64 1.19
C SER A 4 3.14 -3.49 2.41
N ASP A 5 2.26 -2.53 2.40
CA ASP A 5 1.35 -2.33 3.57
C ASP A 5 -0.02 -2.97 3.29
N PRO A 6 -0.70 -3.32 4.34
CA PRO A 6 -2.03 -3.95 4.23
C PRO A 6 -3.10 -2.88 4.09
N ARG A 7 -2.83 -1.69 4.56
CA ARG A 7 -3.83 -0.59 4.46
C ARG A 7 -3.64 0.16 3.13
N CYS A 8 -2.52 -0.02 2.50
CA CYS A 8 -2.27 0.68 1.20
C CYS A 8 -2.19 -0.34 0.06
N ARG A 9 -2.84 -1.46 0.21
CA ARG A 9 -2.80 -2.51 -0.85
C ARG A 9 -3.17 -1.93 -2.21
N TYR A 10 -4.02 -0.94 -2.25
CA TYR A 10 -4.42 -0.36 -3.57
C TYR A 10 -3.56 0.86 -3.90
N ARG A 11 -3.11 1.56 -2.91
CA ARG A 11 -2.27 2.77 -3.17
C ARG A 11 -0.81 2.37 -3.39
N CYS A 12 -0.58 1.35 -4.16
CA CYS A 12 0.82 0.91 -4.43
C CYS A 12 1.36 1.61 -5.68
N ARG A 13 0.59 2.50 -6.25
CA ARG A 13 1.06 3.22 -7.48
C ARG A 13 0.94 4.74 -7.28
N GLY A 1 5.65 1.89 4.69
CA GLY A 1 5.48 1.91 3.21
C GLY A 1 4.02 1.61 2.86
N CYS A 2 3.69 1.61 1.60
CA CYS A 2 2.29 1.33 1.19
C CYS A 2 2.21 0.05 0.34
N CYS A 3 3.01 -0.04 -0.69
CA CYS A 3 2.96 -1.26 -1.54
C CYS A 3 3.04 -2.52 -0.68
N SER A 4 3.85 -2.50 0.34
CA SER A 4 3.95 -3.71 1.23
C SER A 4 3.07 -3.53 2.46
N ASP A 5 2.18 -2.57 2.44
CA ASP A 5 1.29 -2.34 3.60
C ASP A 5 -0.09 -2.97 3.35
N PRO A 6 -0.79 -3.25 4.41
CA PRO A 6 -2.13 -3.87 4.29
C PRO A 6 -3.18 -2.78 4.05
N ARG A 7 -2.90 -1.58 4.46
CA ARG A 7 -3.87 -0.46 4.25
C ARG A 7 -3.65 0.15 2.87
N CYS A 8 -2.42 0.16 2.42
CA CYS A 8 -2.12 0.75 1.08
C CYS A 8 -2.10 -0.36 0.02
N ARG A 9 -2.80 -1.42 0.27
CA ARG A 9 -2.80 -2.57 -0.69
C ARG A 9 -2.93 -2.07 -2.15
N TYR A 10 -3.81 -1.16 -2.41
CA TYR A 10 -3.96 -0.67 -3.83
C TYR A 10 -3.46 0.77 -3.96
N ARG A 11 -3.51 1.52 -2.91
CA ARG A 11 -3.04 2.94 -2.99
C ARG A 11 -1.56 3.05 -2.62
N CYS A 12 -0.68 2.69 -3.51
CA CYS A 12 0.78 2.80 -3.19
C CYS A 12 1.30 4.17 -3.60
N ARG A 13 0.43 5.05 -4.02
CA ARG A 13 0.89 6.41 -4.43
C ARG A 13 -0.31 7.26 -4.85
#